data_7DCZ
#
_entry.id   7DCZ
#
_cell.length_a   101.958
_cell.length_b   101.958
_cell.length_c   171.653
_cell.angle_alpha   90.000
_cell.angle_beta   90.000
_cell.angle_gamma   120.000
#
_symmetry.space_group_name_H-M   'P 61 2 2'
#
loop_
_entity.id
_entity.type
_entity.pdbx_description
1 polymer 'Beta-secretase 1'
2 non-polymer 'IODIDE ION'
3 non-polymer GLYCEROL
4 non-polymer N-[3-[(4S)-2-azanyl-4-methyl-1,3-thiazin-4-yl]-4-fluoranyl-phenyl]-5-cyano-pyridine-2-carboxamide
5 water water
#
_entity_poly.entity_id   1
_entity_poly.type   'polypeptide(L)'
_entity_poly.pdbx_seq_one_letter_code
;GSHMLPRETDEEPEEPGRRGSFVEMVDNLRGKSGQGYYVEMTVGSPPQTLNILVDTGSSNFAVGAAPHPFLHRYYQRQLS
STYRDLRKGVYVPYTQGKWEGELGTDLVSIPHGPNVTVRANIAAITESDKFFINGSNWEGILGLAYAEIARPDDSLEPFF
DSLVKQTHVPNLFSLQLCGAGFPLNQSEVLASVGGSMIIGGIDHSLYTGSLWYTPIRREWYYEVIIVRVEINGQDLKMDC
KEYNYDKSIVDSGTTNLRLPKKVFEAAVKSIKAASSTEKFPDGFWLGEQLVCWQAGTTPWNIFPVISLYLMGEVTNQSFR
ITILPQQYLRPVEDVATSQDDCYKFAISQSSTGTVMGAVIMEGFYVVFDRARKRIGFAVSACHVHDEFRTAAVEGPFVTL
DMEDCGYNIPQTDEST
;
_entity_poly.pdbx_strand_id   A
#
loop_
_chem_comp.id
_chem_comp.type
_chem_comp.name
_chem_comp.formula
GOL non-polymer GLYCEROL 'C3 H8 O3'
H3C non-polymer N-[3-[(4S)-2-azanyl-4-methyl-1,3-thiazin-4-yl]-4-fluoranyl-phenyl]-5-cyano-pyridine-2-carboxamide 'C18 H14 F N5 O S'
IOD non-polymer 'IODIDE ION' 'I -1'
#
# COMPACT_ATOMS: atom_id res chain seq x y z
N ARG A 19 21.70 11.10 2.91
CA ARG A 19 21.15 11.52 4.24
C ARG A 19 20.10 12.63 4.08
N GLY A 20 19.06 12.34 3.28
CA GLY A 20 18.03 13.32 2.96
C GLY A 20 17.89 13.48 1.45
N SER A 21 18.89 12.96 0.73
CA SER A 21 18.87 12.90 -0.72
C SER A 21 19.35 11.52 -1.20
N PHE A 22 18.44 10.77 -1.84
CA PHE A 22 18.75 9.43 -2.31
C PHE A 22 18.42 9.32 -3.79
N VAL A 23 19.11 10.15 -4.59
CA VAL A 23 18.81 10.33 -6.01
C VAL A 23 18.84 9.04 -6.81
N GLU A 24 19.68 8.09 -6.39
CA GLU A 24 19.80 6.80 -7.07
C GLU A 24 18.48 6.03 -6.99
N MET A 25 17.80 6.16 -5.85
CA MET A 25 16.56 5.42 -5.58
C MET A 25 15.28 6.12 -6.03
N VAL A 26 15.37 7.40 -6.39
CA VAL A 26 14.20 8.15 -6.87
C VAL A 26 13.71 7.58 -8.19
N ASP A 27 12.39 7.37 -8.29
CA ASP A 27 11.72 6.86 -9.47
C ASP A 27 12.05 5.37 -9.75
N ASN A 28 12.36 4.62 -8.69
CA ASN A 28 12.62 3.19 -8.78
C ASN A 28 11.36 2.32 -8.74
N LEU A 29 10.19 2.93 -8.63
CA LEU A 29 8.95 2.17 -8.69
C LEU A 29 8.28 2.35 -10.04
N ARG A 30 7.80 1.24 -10.57
CA ARG A 30 7.09 1.21 -11.83
C ARG A 30 5.83 0.40 -11.62
N GLY A 31 4.91 0.45 -12.59
CA GLY A 31 3.66 -0.29 -12.46
C GLY A 31 2.60 0.06 -13.46
N LYS A 32 1.48 -0.66 -13.39
CA LYS A 32 0.31 -0.40 -14.23
C LYS A 32 -0.90 -0.16 -13.34
N SER A 33 -1.74 0.77 -13.78
CA SER A 33 -2.98 1.07 -13.08
C SER A 33 -3.72 -0.23 -12.79
N GLY A 34 -4.00 -0.45 -11.51
CA GLY A 34 -4.74 -1.62 -11.05
C GLY A 34 -3.89 -2.85 -10.75
N GLN A 35 -2.59 -2.75 -10.97
CA GLN A 35 -1.73 -3.93 -10.84
C GLN A 35 -0.62 -3.75 -9.82
N GLY A 36 -0.47 -2.55 -9.27
CA GLY A 36 0.47 -2.32 -8.18
C GLY A 36 1.82 -1.77 -8.57
N TYR A 37 2.67 -1.57 -7.56
CA TYR A 37 3.97 -0.96 -7.77
C TYR A 37 5.05 -2.00 -7.60
N TYR A 38 5.99 -2.02 -8.52
CA TYR A 38 7.10 -2.95 -8.40
C TYR A 38 8.46 -2.28 -8.50
N VAL A 39 9.40 -2.87 -7.78
CA VAL A 39 10.79 -2.47 -7.76
C VAL A 39 11.59 -3.61 -8.39
N GLU A 40 12.72 -3.28 -9.01
CA GLU A 40 13.57 -4.29 -9.58
C GLU A 40 14.46 -4.89 -8.50
N MET A 41 14.55 -6.21 -8.48
CA MET A 41 15.42 -6.89 -7.54
C MET A 41 16.26 -7.93 -8.25
N THR A 42 17.37 -8.32 -7.64
CA THR A 42 18.12 -9.47 -8.10
C THR A 42 18.16 -10.51 -7.01
N VAL A 43 18.13 -11.76 -7.42
CA VAL A 43 18.21 -12.90 -6.53
C VAL A 43 19.25 -13.86 -7.10
N GLY A 44 20.02 -14.50 -6.22
CA GLY A 44 20.95 -15.57 -6.62
C GLY A 44 22.31 -15.10 -7.13
N SER A 45 23.22 -16.05 -7.35
CA SER A 45 24.55 -15.79 -7.92
C SER A 45 24.83 -16.76 -9.08
N PRO A 46 25.10 -16.22 -10.29
CA PRO A 46 25.07 -14.80 -10.63
C PRO A 46 23.65 -14.22 -10.59
N PRO A 47 23.53 -12.89 -10.39
CA PRO A 47 22.23 -12.23 -10.15
C PRO A 47 21.17 -12.44 -11.25
N GLN A 48 19.96 -12.83 -10.84
CA GLN A 48 18.81 -12.98 -11.73
C GLN A 48 17.84 -11.88 -11.40
N THR A 49 17.63 -11.00 -12.38
CA THR A 49 16.76 -9.82 -12.26
C THR A 49 15.27 -10.18 -12.25
N LEU A 50 14.51 -9.59 -11.33
CA LEU A 50 13.06 -9.82 -11.22
C LEU A 50 12.31 -8.56 -10.81
N ASN A 51 11.08 -8.40 -11.30
CA ASN A 51 10.26 -7.30 -10.83
C ASN A 51 9.36 -7.75 -9.70
N ILE A 52 9.42 -7.02 -8.60
CA ILE A 52 8.83 -7.46 -7.36
C ILE A 52 7.86 -6.44 -6.77
N LEU A 53 6.61 -6.85 -6.67
CA LEU A 53 5.55 -6.06 -6.06
C LEU A 53 5.90 -5.63 -4.63
N VAL A 54 5.67 -4.35 -4.35
CA VAL A 54 5.98 -3.77 -3.05
C VAL A 54 4.76 -3.82 -2.15
N ASP A 55 4.83 -4.62 -1.10
CA ASP A 55 3.64 -4.92 -0.32
C ASP A 55 3.86 -4.75 1.18
N THR A 56 3.33 -3.65 1.71
CA THR A 56 3.44 -3.38 3.14
C THR A 56 2.35 -4.12 3.92
N GLY A 57 1.56 -4.93 3.22
CA GLY A 57 0.50 -5.70 3.83
C GLY A 57 0.81 -7.17 4.11
N SER A 58 2.03 -7.59 3.83
CA SER A 58 2.45 -8.98 4.08
C SER A 58 3.93 -9.01 4.41
N SER A 59 4.45 -10.19 4.77
CA SER A 59 5.81 -10.25 5.31
C SER A 59 6.70 -11.33 4.68
N ASN A 60 6.22 -11.95 3.61
CA ASN A 60 7.01 -12.93 2.87
C ASN A 60 7.63 -12.36 1.63
N PHE A 61 8.86 -12.77 1.37
CA PHE A 61 9.47 -12.53 0.08
C PHE A 61 9.30 -13.80 -0.76
N ALA A 62 8.35 -13.74 -1.68
CA ALA A 62 7.97 -14.90 -2.48
C ALA A 62 8.05 -14.59 -3.97
N VAL A 63 8.63 -15.50 -4.74
CA VAL A 63 8.83 -15.27 -6.18
C VAL A 63 8.47 -16.49 -7.03
N GLY A 64 7.96 -16.21 -8.23
CA GLY A 64 7.77 -17.22 -9.26
C GLY A 64 9.07 -17.98 -9.49
N ALA A 65 8.97 -19.31 -9.48
CA ALA A 65 10.10 -20.21 -9.66
C ALA A 65 9.83 -21.29 -10.71
N ALA A 66 8.66 -21.22 -11.33
CA ALA A 66 8.29 -22.14 -12.39
C ALA A 66 7.63 -21.34 -13.50
N PRO A 67 7.65 -21.87 -14.75
CA PRO A 67 7.13 -21.17 -15.91
C PRO A 67 5.61 -21.12 -16.00
N HIS A 68 4.99 -20.49 -15.03
CA HIS A 68 3.60 -20.08 -15.15
C HIS A 68 3.57 -19.19 -16.40
N PRO A 69 2.63 -19.45 -17.32
CA PRO A 69 2.63 -18.78 -18.61
C PRO A 69 2.45 -17.25 -18.56
N PHE A 70 1.85 -16.73 -17.48
CA PHE A 70 1.71 -15.28 -17.29
C PHE A 70 3.01 -14.57 -16.94
N LEU A 71 4.03 -15.31 -16.53
CA LEU A 71 5.28 -14.73 -16.04
C LEU A 71 6.25 -14.41 -17.14
N HIS A 72 6.82 -13.22 -17.06
CA HIS A 72 7.89 -12.81 -17.95
C HIS A 72 9.16 -13.60 -17.68
N ARG A 73 9.37 -13.93 -16.41
CA ARG A 73 10.60 -14.59 -15.96
C ARG A 73 10.38 -15.20 -14.58
N TYR A 74 11.33 -16.01 -14.15
CA TYR A 74 11.21 -16.69 -12.86
C TYR A 74 12.54 -17.08 -12.26
N TYR A 75 12.52 -17.22 -10.94
CA TYR A 75 13.65 -17.68 -10.17
C TYR A 75 14.05 -19.09 -10.60
N GLN A 76 15.29 -19.22 -11.04
CA GLN A 76 15.85 -20.51 -11.40
C GLN A 76 16.95 -20.84 -10.40
N ARG A 77 16.60 -21.67 -9.43
CA ARG A 77 17.52 -22.05 -8.38
C ARG A 77 18.74 -22.82 -8.90
N GLN A 78 18.52 -23.71 -9.87
CA GLN A 78 19.58 -24.57 -10.40
C GLN A 78 20.78 -23.78 -10.92
N LEU A 79 20.54 -22.51 -11.25
CA LEU A 79 21.54 -21.60 -11.80
C LEU A 79 22.25 -20.79 -10.71
N SER A 80 21.69 -20.77 -9.52
CA SER A 80 22.28 -19.99 -8.44
C SER A 80 23.26 -20.81 -7.64
N SER A 81 24.48 -20.32 -7.54
CA SER A 81 25.54 -21.02 -6.83
C SER A 81 25.46 -20.73 -5.34
N THR A 82 24.72 -19.69 -4.96
CA THR A 82 24.55 -19.33 -3.54
C THR A 82 23.24 -19.81 -2.91
N TYR A 83 22.44 -20.54 -3.66
CA TYR A 83 21.17 -21.05 -3.14
C TYR A 83 21.39 -22.05 -1.99
N ARG A 84 20.55 -21.94 -0.96
CA ARG A 84 20.51 -22.93 0.12
C ARG A 84 19.07 -23.36 0.32
N ASP A 85 18.87 -24.65 0.57
CA ASP A 85 17.54 -25.19 0.75
C ASP A 85 17.20 -25.30 2.23
N LEU A 86 16.00 -24.85 2.60
CA LEU A 86 15.56 -24.99 3.99
C LEU A 86 14.75 -26.26 4.21
N ARG A 87 14.46 -26.98 3.13
CA ARG A 87 13.71 -28.25 3.15
C ARG A 87 12.35 -28.13 3.82
N LYS A 88 11.74 -26.97 3.66
CA LYS A 88 10.47 -26.66 4.26
C LYS A 88 9.63 -26.09 3.14
N GLY A 89 8.33 -26.33 3.20
CA GLY A 89 7.40 -25.79 2.23
C GLY A 89 6.35 -24.96 2.94
N VAL A 90 5.56 -24.22 2.17
CA VAL A 90 4.51 -23.41 2.77
C VAL A 90 3.36 -23.15 1.80
N TYR A 91 2.15 -23.34 2.31
CA TYR A 91 0.93 -23.11 1.58
C TYR A 91 0.32 -21.82 2.12
N VAL A 92 0.12 -20.85 1.24
CA VAL A 92 -0.35 -19.53 1.64
C VAL A 92 -1.67 -19.20 0.93
N PRO A 93 -2.80 -19.36 1.63
CA PRO A 93 -4.08 -18.98 1.06
C PRO A 93 -4.52 -17.56 1.41
N TYR A 94 -5.15 -16.90 0.46
CA TYR A 94 -5.86 -15.66 0.72
C TYR A 94 -7.32 -15.87 0.37
N THR A 95 -8.10 -14.83 0.59
CA THR A 95 -9.53 -14.87 0.43
C THR A 95 -9.93 -15.01 -1.05
N GLN A 96 -8.92 -15.24 -1.91
CA GLN A 96 -9.05 -15.61 -3.33
C GLN A 96 -7.82 -15.13 -4.15
N GLY A 97 -6.77 -15.95 -4.32
CA GLY A 97 -6.72 -17.35 -3.89
C GLY A 97 -5.49 -17.79 -3.10
N LYS A 98 -4.36 -18.05 -3.77
CA LYS A 98 -3.27 -18.79 -3.12
C LYS A 98 -1.93 -18.89 -3.85
N TRP A 99 -0.86 -19.06 -3.08
CA TRP A 99 0.40 -19.60 -3.59
C TRP A 99 1.00 -20.63 -2.64
N GLU A 100 1.79 -21.53 -3.20
CA GLU A 100 2.50 -22.54 -2.45
C GLU A 100 3.96 -22.50 -2.87
N GLY A 101 4.86 -22.61 -1.90
CA GLY A 101 6.28 -22.37 -2.18
C GLY A 101 7.25 -23.26 -1.44
N GLU A 102 8.47 -23.32 -1.97
CA GLU A 102 9.56 -24.04 -1.34
C GLU A 102 10.51 -23.01 -0.75
N LEU A 103 10.77 -23.17 0.55
CA LEU A 103 11.56 -22.19 1.28
C LEU A 103 13.04 -22.42 1.13
N GLY A 104 13.78 -21.33 1.17
CA GLY A 104 15.23 -21.37 1.01
C GLY A 104 15.85 -20.01 1.25
N THR A 105 17.16 -19.93 1.07
CA THR A 105 17.83 -18.64 1.16
C THR A 105 18.70 -18.43 -0.06
N ASP A 106 18.99 -17.17 -0.34
CA ASP A 106 19.88 -16.82 -1.43
C ASP A 106 20.27 -15.36 -1.28
N LEU A 107 21.15 -14.89 -2.16
CA LEU A 107 21.64 -13.53 -2.11
C LEU A 107 20.73 -12.62 -2.90
N VAL A 108 20.29 -11.55 -2.24
CA VAL A 108 19.34 -10.60 -2.81
C VAL A 108 19.96 -9.21 -2.75
N SER A 109 19.70 -8.41 -3.78
CA SER A 109 20.09 -7.02 -3.79
C SER A 109 19.05 -6.22 -4.55
N ILE A 110 19.04 -4.92 -4.32
CA ILE A 110 18.12 -3.99 -4.99
C ILE A 110 18.97 -3.02 -5.79
N PRO A 111 19.02 -3.21 -7.13
CA PRO A 111 19.91 -2.43 -7.98
C PRO A 111 19.73 -0.92 -7.83
N HIS A 112 18.49 -0.46 -7.70
CA HIS A 112 18.21 0.96 -7.50
C HIS A 112 17.81 1.24 -6.07
N GLY A 113 18.58 0.64 -5.16
CA GLY A 113 18.43 0.77 -3.72
C GLY A 113 19.80 0.79 -3.12
N PRO A 114 19.93 0.45 -1.83
CA PRO A 114 21.24 0.56 -1.19
C PRO A 114 22.26 -0.35 -1.86
N ASN A 115 23.50 0.11 -1.93
CA ASN A 115 24.60 -0.64 -2.54
C ASN A 115 25.04 -1.84 -1.71
N VAL A 116 24.12 -2.75 -1.43
CA VAL A 116 24.43 -3.92 -0.58
C VAL A 116 23.78 -5.24 -1.03
N THR A 117 24.37 -6.35 -0.61
CA THR A 117 23.83 -7.68 -0.86
C THR A 117 23.51 -8.40 0.44
N VAL A 118 22.36 -9.07 0.46
CA VAL A 118 21.85 -9.68 1.69
C VAL A 118 21.38 -11.11 1.47
N ARG A 119 21.75 -12.01 2.38
CA ARG A 119 21.16 -13.34 2.42
C ARG A 119 19.79 -13.27 3.09
N ALA A 120 18.74 -13.53 2.30
CA ALA A 120 17.37 -13.43 2.79
C ALA A 120 16.60 -14.72 2.53
N ASN A 121 15.50 -14.89 3.26
CA ASN A 121 14.59 -15.98 3.00
C ASN A 121 13.87 -15.73 1.68
N ILE A 122 13.67 -16.80 0.92
CA ILE A 122 12.91 -16.70 -0.32
C ILE A 122 12.00 -17.90 -0.47
N ALA A 123 10.73 -17.63 -0.68
CA ALA A 123 9.79 -18.69 -0.99
C ALA A 123 9.70 -18.80 -2.51
N ALA A 124 10.11 -19.95 -3.02
CA ALA A 124 10.06 -20.22 -4.44
C ALA A 124 8.68 -20.76 -4.73
N ILE A 125 7.87 -19.98 -5.43
CA ILE A 125 6.50 -20.36 -5.73
C ILE A 125 6.46 -21.46 -6.81
N THR A 126 5.84 -22.57 -6.47
CA THR A 126 5.79 -23.72 -7.36
C THR A 126 4.37 -24.05 -7.79
N GLU A 127 3.39 -23.39 -7.17
CA GLU A 127 1.99 -23.52 -7.54
C GLU A 127 1.20 -22.32 -7.04
N SER A 128 0.23 -21.87 -7.83
CA SER A 128 -0.63 -20.76 -7.41
C SER A 128 -2.00 -20.73 -8.10
N ASP A 129 -2.89 -19.89 -7.57
CA ASP A 129 -4.17 -19.63 -8.20
C ASP A 129 -4.56 -18.20 -7.91
N LYS A 130 -4.80 -17.44 -8.98
CA LYS A 130 -5.24 -16.05 -8.86
C LYS A 130 -4.23 -15.22 -8.10
N PHE A 131 -2.96 -15.61 -8.20
CA PHE A 131 -1.90 -14.86 -7.55
C PHE A 131 -1.22 -13.98 -8.56
N PHE A 132 -0.62 -14.58 -9.58
CA PHE A 132 -0.04 -13.82 -10.69
C PHE A 132 -1.13 -13.24 -11.58
N ILE A 133 -0.96 -11.99 -11.98
CA ILE A 133 -1.94 -11.31 -12.83
C ILE A 133 -1.56 -11.38 -14.30
N ASN A 134 -2.49 -11.81 -15.14
CA ASN A 134 -2.30 -11.83 -16.59
C ASN A 134 -2.12 -10.42 -17.14
N GLY A 135 -0.99 -10.21 -17.82
CA GLY A 135 -0.65 -8.89 -18.34
C GLY A 135 0.24 -8.08 -17.42
N SER A 136 0.42 -8.54 -16.18
CA SER A 136 1.29 -7.84 -15.24
C SER A 136 2.74 -7.99 -15.66
N ASN A 137 3.58 -7.09 -15.16
CA ASN A 137 5.02 -7.15 -15.46
C ASN A 137 5.85 -7.36 -14.20
N TRP A 138 5.25 -7.99 -13.19
CA TRP A 138 5.97 -8.40 -11.98
C TRP A 138 5.81 -9.90 -11.73
N GLU A 139 6.83 -10.51 -11.14
CA GLU A 139 6.86 -11.96 -10.97
C GLU A 139 7.17 -12.39 -9.54
N GLY A 140 6.99 -11.46 -8.61
CA GLY A 140 7.20 -11.73 -7.19
C GLY A 140 6.62 -10.63 -6.31
N ILE A 141 6.72 -10.84 -5.00
CA ILE A 141 6.16 -9.94 -4.02
C ILE A 141 7.12 -9.76 -2.84
N LEU A 142 7.28 -8.52 -2.41
CA LEU A 142 8.14 -8.19 -1.27
C LEU A 142 7.25 -7.79 -0.13
N GLY A 143 7.04 -8.71 0.81
CA GLY A 143 6.31 -8.43 2.02
C GLY A 143 7.23 -7.64 2.94
N LEU A 144 6.82 -6.42 3.27
CA LEU A 144 7.63 -5.49 4.05
C LEU A 144 7.11 -5.31 5.48
N ALA A 145 6.02 -6.02 5.82
CA ALA A 145 5.51 -5.99 7.18
C ALA A 145 6.30 -6.94 8.09
N TYR A 146 5.85 -7.05 9.34
CA TYR A 146 6.63 -7.72 10.37
C TYR A 146 6.51 -9.24 10.43
N ALA A 147 7.42 -9.84 11.18
CA ALA A 147 7.53 -11.29 11.32
C ALA A 147 6.28 -11.94 11.89
N GLU A 148 5.56 -11.25 12.76
CA GLU A 148 4.36 -11.82 13.38
C GLU A 148 3.37 -12.40 12.36
N ILE A 149 3.32 -11.81 11.17
CA ILE A 149 2.43 -12.30 10.11
C ILE A 149 3.17 -13.02 8.97
N ALA A 150 4.42 -13.42 9.22
CA ALA A 150 5.18 -14.22 8.26
C ALA A 150 4.65 -15.65 8.20
N ARG A 151 4.56 -16.19 6.99
CA ARG A 151 4.21 -17.59 6.82
C ARG A 151 5.45 -18.44 6.58
N PRO A 152 5.54 -19.62 7.24
CA PRO A 152 4.47 -20.25 8.04
C PRO A 152 4.34 -19.75 9.48
N ASP A 153 5.38 -19.09 10.01
CA ASP A 153 5.42 -18.59 11.39
C ASP A 153 6.43 -17.46 11.54
N ASP A 154 6.56 -16.89 12.75
CA ASP A 154 7.43 -15.73 12.95
C ASP A 154 8.93 -16.03 12.99
N SER A 155 9.29 -17.30 12.90
CA SER A 155 10.71 -17.66 12.83
C SER A 155 11.30 -17.34 11.46
N LEU A 156 10.45 -17.27 10.43
CA LEU A 156 10.91 -16.93 9.08
C LEU A 156 11.10 -15.43 8.90
N GLU A 157 12.34 -14.98 9.09
CA GLU A 157 12.69 -13.57 9.08
C GLU A 157 12.39 -12.87 7.74
N PRO A 158 11.61 -11.78 7.76
CA PRO A 158 11.31 -11.04 6.53
C PRO A 158 12.54 -10.34 5.98
N PHE A 159 12.48 -9.94 4.70
CA PHE A 159 13.61 -9.39 3.97
C PHE A 159 14.18 -8.13 4.61
N PHE A 160 13.30 -7.22 5.01
CA PHE A 160 13.75 -5.95 5.55
C PHE A 160 14.51 -6.17 6.84
N ASP A 161 13.98 -7.02 7.72
CA ASP A 161 14.66 -7.41 8.94
C ASP A 161 16.09 -7.92 8.66
N SER A 162 16.23 -8.81 7.69
CA SER A 162 17.52 -9.35 7.25
C SER A 162 18.46 -8.28 6.69
N LEU A 163 17.93 -7.39 5.86
CA LEU A 163 18.67 -6.25 5.33
C LEU A 163 19.30 -5.38 6.43
N VAL A 164 18.48 -4.96 7.38
CA VAL A 164 18.91 -4.11 8.51
C VAL A 164 19.94 -4.82 9.40
N LYS A 165 19.69 -6.09 9.69
CA LYS A 165 20.56 -6.88 10.56
C LYS A 165 21.95 -7.10 9.95
N GLN A 166 22.01 -7.31 8.64
CA GLN A 166 23.28 -7.65 7.97
C GLN A 166 24.07 -6.46 7.46
N THR A 167 23.42 -5.31 7.36
CA THR A 167 24.04 -4.12 6.81
C THR A 167 23.93 -2.96 7.77
N HIS A 168 24.34 -1.79 7.30
CA HIS A 168 24.21 -0.55 8.04
C HIS A 168 23.07 0.32 7.49
N VAL A 169 22.21 -0.26 6.65
CA VAL A 169 20.99 0.43 6.20
C VAL A 169 20.15 0.75 7.44
N PRO A 170 19.75 2.03 7.64
CA PRO A 170 18.93 2.38 8.80
C PRO A 170 17.54 1.73 8.74
N ASN A 171 16.92 1.52 9.90
CA ASN A 171 15.69 0.74 9.97
C ASN A 171 14.40 1.52 9.63
N LEU A 172 14.36 2.00 8.39
CA LEU A 172 13.31 2.89 7.91
C LEU A 172 13.28 2.76 6.41
N PHE A 173 12.08 2.79 5.83
CA PHE A 173 11.92 3.01 4.39
C PHE A 173 10.74 3.93 4.15
N SER A 174 10.70 4.55 2.98
CA SER A 174 9.58 5.42 2.63
C SER A 174 9.04 5.18 1.23
N LEU A 175 7.76 5.47 1.06
CA LEU A 175 7.07 5.19 -0.19
C LEU A 175 6.35 6.40 -0.75
N GLN A 176 6.70 6.75 -1.99
CA GLN A 176 5.99 7.76 -2.75
C GLN A 176 5.34 7.09 -3.94
N LEU A 177 4.09 6.65 -3.76
CA LEU A 177 3.31 6.05 -4.82
C LEU A 177 2.65 7.18 -5.61
N CYS A 178 3.06 7.36 -6.86
CA CYS A 178 2.52 8.46 -7.67
C CYS A 178 1.41 8.00 -8.62
N GLY A 179 1.77 7.30 -9.68
CA GLY A 179 0.77 6.71 -10.57
C GLY A 179 -0.11 7.64 -11.40
N ALA A 180 0.09 7.59 -12.71
CA ALA A 180 -0.74 8.33 -13.68
C ALA A 180 -0.69 9.85 -13.47
N ALA A 191 -0.71 3.40 -19.74
CA ALA A 191 -1.51 3.06 -18.57
C ALA A 191 -0.66 2.92 -17.30
N SER A 192 0.59 3.39 -17.38
CA SER A 192 1.63 3.03 -16.42
C SER A 192 1.87 4.03 -15.28
N VAL A 193 2.03 3.49 -14.07
CA VAL A 193 2.27 4.30 -12.87
C VAL A 193 3.76 4.48 -12.57
N GLY A 194 4.07 5.21 -11.49
CA GLY A 194 5.45 5.42 -11.08
C GLY A 194 5.55 5.79 -9.61
N GLY A 195 6.76 5.74 -9.07
CA GLY A 195 6.98 6.11 -7.68
C GLY A 195 8.40 5.89 -7.23
N SER A 196 8.65 6.15 -5.94
CA SER A 196 9.95 5.91 -5.32
C SER A 196 9.78 5.13 -4.04
N MET A 197 10.62 4.12 -3.84
CA MET A 197 10.77 3.47 -2.55
C MET A 197 12.17 3.82 -2.08
N ILE A 198 12.27 4.62 -1.02
CA ILE A 198 13.56 4.98 -0.44
C ILE A 198 13.87 4.06 0.72
N ILE A 199 14.84 3.18 0.51
CA ILE A 199 15.28 2.24 1.50
C ILE A 199 16.31 2.91 2.39
N GLY A 200 16.09 2.86 3.70
CA GLY A 200 17.06 3.36 4.68
C GLY A 200 17.02 4.85 4.94
N GLY A 201 15.98 5.52 4.45
CA GLY A 201 15.89 6.97 4.62
C GLY A 201 14.69 7.67 4.03
N ILE A 202 14.79 9.00 4.02
CA ILE A 202 13.75 9.90 3.58
C ILE A 202 14.39 10.78 2.52
N ASP A 203 13.65 11.12 1.46
CA ASP A 203 14.08 12.13 0.49
C ASP A 203 13.09 13.29 0.48
N HIS A 204 13.57 14.47 0.88
CA HIS A 204 12.74 15.63 1.17
C HIS A 204 12.15 16.31 -0.03
N SER A 205 12.68 16.00 -1.21
CA SER A 205 12.19 16.56 -2.45
C SER A 205 10.85 15.92 -2.82
N LEU A 206 10.59 14.75 -2.25
CA LEU A 206 9.39 13.96 -2.53
C LEU A 206 8.11 14.46 -1.85
N TYR A 207 8.26 15.33 -0.87
CA TYR A 207 7.09 15.88 -0.17
C TYR A 207 7.20 17.38 0.11
N THR A 208 6.05 18.02 0.20
CA THR A 208 6.00 19.42 0.63
C THR A 208 5.47 19.49 2.06
N GLY A 209 5.71 20.63 2.70
CA GLY A 209 5.30 20.86 4.07
C GLY A 209 5.98 19.96 5.06
N SER A 210 5.22 19.52 6.05
CA SER A 210 5.77 18.75 7.15
C SER A 210 5.26 17.33 7.21
N LEU A 211 6.19 16.43 7.54
CA LEU A 211 5.84 15.09 7.96
C LEU A 211 5.05 15.14 9.28
N TRP A 212 4.03 14.30 9.37
CA TRP A 212 3.31 14.08 10.62
C TRP A 212 3.28 12.60 10.91
N TYR A 213 3.57 12.25 12.16
CA TYR A 213 3.75 10.86 12.55
C TYR A 213 2.60 10.31 13.39
N THR A 214 2.22 9.08 13.09
CA THR A 214 1.21 8.36 13.82
C THR A 214 1.83 7.07 14.35
N PRO A 215 1.51 6.67 15.60
CA PRO A 215 2.20 5.47 16.12
C PRO A 215 1.83 4.17 15.42
N ILE A 216 2.83 3.33 15.15
CA ILE A 216 2.56 1.94 14.79
C ILE A 216 2.07 1.29 16.08
N ARG A 217 0.81 0.86 16.09
CA ARG A 217 0.19 0.36 17.32
C ARG A 217 0.75 -0.99 17.72
N ARG A 218 0.97 -1.86 16.75
CA ARG A 218 1.65 -3.11 17.00
C ARG A 218 2.42 -3.50 15.76
N GLU A 219 3.55 -4.17 15.97
CA GLU A 219 4.40 -4.61 14.89
C GLU A 219 4.00 -5.99 14.32
N TRP A 220 2.94 -6.01 13.54
CA TRP A 220 2.59 -7.18 12.74
C TRP A 220 2.30 -6.71 11.31
N TYR A 221 1.08 -6.24 11.05
CA TYR A 221 0.84 -5.32 9.94
C TYR A 221 1.41 -3.97 10.37
N TYR A 222 1.30 -2.98 9.50
CA TYR A 222 1.59 -1.62 9.92
C TYR A 222 0.29 -1.03 10.44
N GLU A 223 -0.03 -1.37 11.68
CA GLU A 223 -1.30 -0.98 12.27
C GLU A 223 -1.27 0.45 12.78
N VAL A 224 -2.32 1.19 12.47
CA VAL A 224 -2.50 2.55 12.97
C VAL A 224 -3.91 2.73 13.54
N ILE A 225 -4.15 3.86 14.19
CA ILE A 225 -5.46 4.16 14.77
C ILE A 225 -6.05 5.43 14.19
N ILE A 226 -7.19 5.28 13.51
CA ILE A 226 -7.97 6.40 13.02
C ILE A 226 -8.85 6.86 14.16
N VAL A 227 -8.81 8.14 14.47
CA VAL A 227 -9.52 8.67 15.64
C VAL A 227 -10.71 9.56 15.28
N ARG A 228 -10.84 9.88 13.99
CA ARG A 228 -11.91 10.75 13.50
C ARG A 228 -11.98 10.67 11.97
N VAL A 229 -13.18 10.79 11.42
CA VAL A 229 -13.39 10.83 9.98
C VAL A 229 -14.33 11.97 9.62
N GLU A 230 -13.94 12.72 8.58
CA GLU A 230 -14.82 13.73 8.02
C GLU A 230 -15.02 13.53 6.52
N ILE A 231 -16.21 13.90 6.05
CA ILE A 231 -16.49 13.98 4.64
C ILE A 231 -16.82 15.45 4.39
N ASN A 232 -16.04 16.08 3.51
CA ASN A 232 -16.14 17.52 3.26
C ASN A 232 -16.19 18.37 4.53
N GLY A 233 -15.42 17.97 5.54
CA GLY A 233 -15.38 18.67 6.81
C GLY A 233 -16.40 18.17 7.83
N GLN A 234 -17.46 17.55 7.35
CA GLN A 234 -18.51 17.02 8.22
C GLN A 234 -18.05 15.75 8.92
N ASP A 235 -18.17 15.73 10.24
CA ASP A 235 -17.83 14.55 11.03
C ASP A 235 -18.63 13.35 10.56
N LEU A 236 -18.60 12.27 11.32
CA LEU A 236 -19.38 11.09 11.00
C LEU A 236 -20.01 10.67 12.30
N LYS A 237 -19.44 11.17 13.39
CA LYS A 237 -20.02 11.10 14.74
C LYS A 237 -20.10 9.65 15.20
N MET A 238 -19.43 8.78 14.47
CA MET A 238 -19.36 7.37 14.84
C MET A 238 -18.42 7.22 16.03
N ASP A 239 -18.64 6.17 16.82
CA ASP A 239 -17.68 5.73 17.82
C ASP A 239 -16.39 5.40 17.06
N CYS A 240 -15.32 6.14 17.35
CA CYS A 240 -14.06 5.98 16.61
C CYS A 240 -13.57 4.54 16.62
N LYS A 241 -14.01 3.78 17.61
CA LYS A 241 -13.71 2.35 17.75
C LYS A 241 -14.16 1.56 16.54
N GLU A 242 -15.27 2.00 15.96
CA GLU A 242 -15.81 1.45 14.71
C GLU A 242 -14.82 1.60 13.55
N TYR A 243 -14.12 2.73 13.50
CA TYR A 243 -13.16 3.03 12.43
C TYR A 243 -12.01 2.03 12.37
N ASN A 244 -11.71 1.42 13.51
CA ASN A 244 -10.57 0.52 13.63
C ASN A 244 -10.96 -0.92 13.95
N TYR A 245 -12.14 -1.32 13.49
CA TYR A 245 -12.68 -2.65 13.78
C TYR A 245 -12.43 -3.59 12.61
N ASP A 246 -11.54 -4.56 12.78
CA ASP A 246 -10.89 -4.87 14.05
C ASP A 246 -9.44 -4.38 14.03
N LYS A 247 -9.13 -3.56 13.02
CA LYS A 247 -7.78 -3.30 12.59
C LYS A 247 -7.84 -2.08 11.67
N SER A 248 -6.80 -1.25 11.70
CA SER A 248 -6.58 -0.28 10.63
C SER A 248 -5.14 -0.40 10.20
N ILE A 249 -4.92 -0.61 8.91
CA ILE A 249 -3.56 -0.85 8.41
C ILE A 249 -3.20 0.02 7.21
N VAL A 250 -1.90 0.21 7.01
CA VAL A 250 -1.40 0.87 5.82
C VAL A 250 -0.88 -0.20 4.87
N ASP A 251 -1.37 -0.16 3.63
CA ASP A 251 -1.14 -1.26 2.71
C ASP A 251 -0.91 -0.84 1.27
N SER A 252 0.32 -0.95 0.80
CA SER A 252 0.63 -0.63 -0.59
C SER A 252 0.19 -1.74 -1.52
N GLY A 253 -0.26 -2.85 -0.95
CA GLY A 253 -0.63 -4.05 -1.69
C GLY A 253 -2.11 -4.18 -1.97
N THR A 254 -2.85 -3.10 -1.67
CA THR A 254 -4.27 -3.00 -1.95
C THR A 254 -4.51 -1.68 -2.66
N THR A 255 -5.42 -1.69 -3.65
CA THR A 255 -5.85 -0.48 -4.33
C THR A 255 -6.72 0.38 -3.42
N ASN A 256 -7.80 -0.22 -2.92
CA ASN A 256 -8.88 0.53 -2.29
C ASN A 256 -8.61 1.09 -0.92
N LEU A 257 -9.31 2.17 -0.60
CA LEU A 257 -9.56 2.52 0.79
C LEU A 257 -10.69 1.62 1.21
N ARG A 258 -10.36 0.64 2.05
CA ARG A 258 -11.33 -0.35 2.48
C ARG A 258 -11.79 0.00 3.89
N LEU A 259 -13.10 0.05 4.09
CA LEU A 259 -13.67 0.45 5.37
C LEU A 259 -14.57 -0.62 5.95
N PRO A 260 -14.70 -0.68 7.29
CA PRO A 260 -15.67 -1.62 7.87
C PRO A 260 -17.07 -1.23 7.43
N LYS A 261 -17.92 -2.23 7.19
CA LYS A 261 -19.21 -2.02 6.55
C LYS A 261 -20.03 -0.90 7.18
N LYS A 262 -19.97 -0.78 8.51
CA LYS A 262 -20.68 0.28 9.21
C LYS A 262 -20.14 1.63 8.81
N VAL A 263 -18.82 1.78 8.83
CA VAL A 263 -18.18 3.02 8.47
C VAL A 263 -18.42 3.29 6.99
N PHE A 264 -18.32 2.24 6.17
CA PHE A 264 -18.64 2.33 4.76
C PHE A 264 -20.04 2.88 4.48
N GLU A 265 -21.03 2.36 5.22
CA GLU A 265 -22.40 2.82 5.10
C GLU A 265 -22.50 4.31 5.40
N ALA A 266 -21.99 4.71 6.57
CA ALA A 266 -22.05 6.11 6.99
C ALA A 266 -21.30 6.98 5.99
N ALA A 267 -20.13 6.51 5.55
CA ALA A 267 -19.30 7.21 4.58
C ALA A 267 -20.01 7.45 3.24
N VAL A 268 -20.54 6.39 2.65
CA VAL A 268 -21.24 6.47 1.37
C VAL A 268 -22.50 7.33 1.46
N LYS A 269 -23.25 7.17 2.55
CA LYS A 269 -24.43 7.98 2.84
C LYS A 269 -24.10 9.47 2.84
N SER A 270 -22.95 9.81 3.44
CA SER A 270 -22.47 11.18 3.48
C SER A 270 -21.96 11.64 2.11
N ILE A 271 -21.18 10.77 1.45
CA ILE A 271 -20.67 11.04 0.09
C ILE A 271 -21.83 11.19 -0.89
N LYS A 272 -22.87 10.38 -0.72
CA LYS A 272 -24.12 10.53 -1.49
C LYS A 272 -24.73 11.91 -1.29
N ALA A 273 -24.87 12.32 -0.02
CA ALA A 273 -25.47 13.61 0.33
C ALA A 273 -24.66 14.78 -0.22
N ALA A 274 -23.33 14.69 -0.10
CA ALA A 274 -22.43 15.71 -0.62
C ALA A 274 -22.46 15.77 -2.15
N SER A 275 -23.06 14.74 -2.74
CA SER A 275 -22.92 14.45 -4.16
C SER A 275 -24.24 14.50 -4.93
N SER A 276 -25.31 14.88 -4.23
CA SER A 276 -26.67 14.61 -4.70
C SER A 276 -27.20 15.46 -5.87
N THR A 277 -26.38 16.32 -6.47
CA THR A 277 -26.81 16.99 -7.71
C THR A 277 -26.72 16.06 -8.92
N GLU A 278 -25.89 15.02 -8.82
CA GLU A 278 -25.90 13.93 -9.77
C GLU A 278 -26.43 12.67 -9.11
N LYS A 279 -27.31 11.96 -9.83
CA LYS A 279 -27.78 10.65 -9.38
C LYS A 279 -26.91 9.56 -9.97
N PHE A 280 -26.55 8.59 -9.14
CA PHE A 280 -25.77 7.45 -9.58
C PHE A 280 -26.43 6.17 -9.13
N PRO A 281 -26.42 5.13 -9.99
CA PRO A 281 -26.93 3.82 -9.64
C PRO A 281 -26.30 3.29 -8.35
N ASP A 282 -27.11 2.60 -7.55
CA ASP A 282 -26.67 2.00 -6.28
C ASP A 282 -25.47 1.07 -6.46
N GLY A 283 -25.41 0.41 -7.62
CA GLY A 283 -24.35 -0.54 -7.94
C GLY A 283 -22.97 0.09 -8.01
N PHE A 284 -22.92 1.36 -8.41
CA PHE A 284 -21.68 2.11 -8.53
C PHE A 284 -20.99 2.30 -7.17
N TRP A 285 -21.78 2.67 -6.17
CA TRP A 285 -21.29 2.85 -4.81
C TRP A 285 -20.80 1.53 -4.23
N LEU A 286 -21.33 0.43 -4.76
CA LEU A 286 -21.01 -0.90 -4.26
C LEU A 286 -19.88 -1.58 -5.06
N GLY A 287 -19.34 -0.86 -6.05
CA GLY A 287 -18.30 -1.39 -6.92
C GLY A 287 -18.78 -2.46 -7.90
N GLU A 288 -20.07 -2.46 -8.21
CA GLU A 288 -20.68 -3.46 -9.09
C GLU A 288 -20.81 -2.98 -10.54
N GLN A 289 -20.60 -1.69 -10.73
CA GLN A 289 -20.72 -1.05 -12.02
C GLN A 289 -19.72 0.09 -12.06
N LEU A 290 -19.30 0.47 -13.26
CA LEU A 290 -18.49 1.66 -13.45
C LEU A 290 -19.41 2.81 -13.85
N VAL A 291 -18.93 4.04 -13.67
CA VAL A 291 -19.65 5.22 -14.17
C VAL A 291 -18.77 5.96 -15.17
N CYS A 292 -19.36 6.37 -16.29
CA CYS A 292 -18.57 6.94 -17.39
C CYS A 292 -19.00 8.36 -17.75
N TRP A 293 -18.00 9.19 -18.05
CA TRP A 293 -18.17 10.49 -18.68
C TRP A 293 -17.26 10.48 -19.91
N GLN A 294 -17.23 11.57 -20.69
CA GLN A 294 -16.35 11.63 -21.87
C GLN A 294 -15.50 12.91 -21.95
N GLY A 296 -12.60 14.61 -21.03
CA GLY A 296 -12.46 14.87 -19.61
C GLY A 296 -13.54 15.80 -19.09
N THR A 297 -14.74 15.24 -18.88
CA THR A 297 -15.88 16.01 -18.37
C THR A 297 -16.30 15.58 -16.96
N THR A 298 -15.38 14.98 -16.22
CA THR A 298 -15.67 14.49 -14.86
C THR A 298 -15.98 15.64 -13.89
N PRO A 299 -17.17 15.61 -13.26
CA PRO A 299 -17.53 16.58 -12.24
C PRO A 299 -16.83 16.28 -10.90
N TRP A 300 -15.49 16.36 -10.91
CA TRP A 300 -14.69 16.14 -9.70
C TRP A 300 -15.25 16.90 -8.51
N ASN A 301 -15.68 18.13 -8.78
CA ASN A 301 -16.11 19.08 -7.74
C ASN A 301 -17.46 18.82 -7.07
N ILE A 302 -18.23 17.86 -7.60
CA ILE A 302 -19.43 17.40 -6.90
C ILE A 302 -19.06 16.36 -5.84
N PHE A 303 -17.83 15.83 -5.96
CA PHE A 303 -17.36 14.83 -5.02
C PHE A 303 -16.58 15.43 -3.85
N PRO A 304 -16.96 15.04 -2.63
CA PRO A 304 -16.32 15.53 -1.41
C PRO A 304 -14.91 15.01 -1.22
N VAL A 305 -14.14 15.75 -0.43
CA VAL A 305 -12.85 15.30 0.05
C VAL A 305 -13.09 14.38 1.25
N ILE A 306 -12.12 13.53 1.54
CA ILE A 306 -12.23 12.60 2.65
C ILE A 306 -11.06 12.81 3.60
N SER A 307 -11.39 12.99 4.88
CA SER A 307 -10.39 13.26 5.91
C SER A 307 -10.39 12.20 6.98
N LEU A 308 -9.20 11.68 7.24
CA LEU A 308 -8.99 10.77 8.36
C LEU A 308 -8.07 11.43 9.37
N TYR A 309 -8.50 11.50 10.61
CA TYR A 309 -7.61 11.96 11.66
C TYR A 309 -6.94 10.74 12.25
N LEU A 310 -5.62 10.79 12.32
CA LEU A 310 -4.83 9.70 12.87
C LEU A 310 -4.26 10.10 14.21
N MET A 311 -4.19 9.12 15.12
CA MET A 311 -3.54 9.32 16.41
C MET A 311 -2.18 9.97 16.20
N GLY A 312 -1.91 11.01 16.97
CA GLY A 312 -0.62 11.68 16.86
C GLY A 312 0.40 11.09 17.79
N GLU A 313 1.59 11.71 17.81
CA GLU A 313 2.69 11.33 18.70
C GLU A 313 2.47 11.73 20.17
N VAL A 314 1.60 12.70 20.42
CA VAL A 314 1.44 13.27 21.76
C VAL A 314 0.03 13.00 22.32
N THR A 315 -0.05 12.81 23.63
CA THR A 315 -1.32 12.61 24.33
C THR A 315 -2.32 13.69 23.94
N ASN A 316 -3.51 13.28 23.50
CA ASN A 316 -4.60 14.18 23.12
C ASN A 316 -4.32 15.00 21.86
N GLN A 317 -3.29 14.61 21.12
CA GLN A 317 -2.89 15.31 19.89
C GLN A 317 -3.05 14.38 18.68
N SER A 318 -3.73 14.88 17.65
CA SER A 318 -3.94 14.14 16.40
C SER A 318 -3.54 14.97 15.18
N PHE A 319 -3.72 14.40 13.99
CA PHE A 319 -3.49 15.11 12.73
C PHE A 319 -4.40 14.63 11.60
N ARG A 320 -4.48 15.42 10.52
CA ARG A 320 -5.46 15.17 9.49
C ARG A 320 -4.83 14.90 8.13
N ILE A 321 -5.31 13.84 7.48
CA ILE A 321 -4.95 13.60 6.09
C ILE A 321 -6.22 13.65 5.25
N THR A 322 -6.15 14.37 4.15
CA THR A 322 -7.28 14.62 3.28
C THR A 322 -6.94 14.16 1.87
N ILE A 323 -7.80 13.32 1.29
CA ILE A 323 -7.67 12.88 -0.10
C ILE A 323 -8.73 13.51 -0.99
N LEU A 324 -8.43 13.54 -2.28
CA LEU A 324 -9.33 14.08 -3.27
C LEU A 324 -10.11 12.94 -3.92
N PRO A 325 -11.20 13.26 -4.64
CA PRO A 325 -11.91 12.27 -5.47
C PRO A 325 -10.99 11.67 -6.53
N GLN A 326 -9.99 12.44 -6.94
CA GLN A 326 -8.94 11.97 -7.82
C GLN A 326 -8.27 10.69 -7.30
N GLN A 327 -8.27 10.52 -5.99
CA GLN A 327 -7.68 9.32 -5.39
C GLN A 327 -8.66 8.15 -5.32
N TYR A 328 -9.89 8.42 -4.91
CA TYR A 328 -10.86 7.34 -4.72
C TYR A 328 -11.77 7.03 -5.92
N LEU A 329 -11.68 7.86 -6.96
CA LEU A 329 -12.31 7.60 -8.25
C LEU A 329 -11.24 7.35 -9.30
N ARG A 330 -10.97 6.06 -9.56
CA ARG A 330 -9.87 5.66 -10.45
C ARG A 330 -10.36 5.36 -11.87
N PRO A 331 -9.57 5.75 -12.88
CA PRO A 331 -9.98 5.51 -14.26
C PRO A 331 -9.81 4.05 -14.61
N VAL A 332 -10.85 3.44 -15.16
CA VAL A 332 -10.72 2.07 -15.64
C VAL A 332 -10.38 2.13 -17.13
N GLU A 333 -9.14 1.75 -17.42
CA GLU A 333 -8.55 1.88 -18.75
C GLU A 333 -9.21 0.93 -19.74
N ASP A 334 -9.14 -0.36 -19.42
CA ASP A 334 -9.46 -1.42 -20.37
C ASP A 334 -10.96 -1.78 -20.41
N VAL A 335 -11.74 -0.85 -20.96
CA VAL A 335 -13.16 -1.09 -21.24
C VAL A 335 -13.38 -1.07 -22.75
N ALA A 336 -13.43 -2.26 -23.35
CA ALA A 336 -13.65 -2.41 -24.79
C ALA A 336 -15.06 -1.98 -25.20
N THR A 337 -16.00 -2.14 -24.29
CA THR A 337 -17.42 -1.87 -24.58
C THR A 337 -17.76 -0.37 -24.59
N SER A 338 -16.88 0.46 -24.02
CA SER A 338 -17.13 1.90 -23.93
C SER A 338 -16.03 2.77 -24.55
N GLN A 339 -16.45 3.80 -25.28
CA GLN A 339 -15.52 4.77 -25.88
C GLN A 339 -15.21 5.94 -24.93
N ASP A 340 -15.98 6.02 -23.84
CA ASP A 340 -15.87 7.10 -22.85
C ASP A 340 -14.81 6.83 -21.79
N ASP A 341 -14.67 7.78 -20.86
CA ASP A 341 -13.83 7.63 -19.67
C ASP A 341 -14.67 7.07 -18.53
N CYS A 342 -14.37 5.83 -18.12
CA CYS A 342 -15.11 5.18 -17.05
C CYS A 342 -14.30 5.11 -15.77
N TYR A 343 -14.97 5.31 -14.64
CA TYR A 343 -14.31 5.36 -13.33
C TYR A 343 -14.84 4.31 -12.36
N LYS A 344 -14.00 3.91 -11.41
CA LYS A 344 -14.45 3.01 -10.36
C LYS A 344 -14.46 3.71 -9.01
N PHE A 345 -15.52 3.49 -8.24
CA PHE A 345 -15.57 3.93 -6.86
C PHE A 345 -14.71 2.98 -6.06
N ALA A 346 -13.55 3.48 -5.62
CA ALA A 346 -12.54 2.66 -4.97
C ALA A 346 -12.56 2.77 -3.44
N ILE A 347 -13.74 3.03 -2.90
CA ILE A 347 -13.96 2.91 -1.47
C ILE A 347 -14.90 1.74 -1.31
N SER A 348 -14.50 0.74 -0.53
CA SER A 348 -15.26 -0.49 -0.42
C SER A 348 -15.30 -1.01 1.02
N GLN A 349 -16.23 -1.91 1.27
CA GLN A 349 -16.47 -2.43 2.62
C GLN A 349 -15.59 -3.64 2.95
N SER A 350 -15.21 -3.76 4.22
CA SER A 350 -14.25 -4.77 4.62
C SER A 350 -14.73 -5.56 5.82
N SER A 351 -14.16 -6.74 6.01
CA SER A 351 -14.40 -7.50 7.24
C SER A 351 -13.10 -7.68 8.05
N THR A 352 -12.00 -7.16 7.52
CA THR A 352 -10.72 -7.16 8.23
C THR A 352 -10.30 -5.78 8.73
N GLY A 353 -11.26 -4.89 8.87
CA GLY A 353 -10.97 -3.52 9.32
C GLY A 353 -10.65 -2.59 8.17
N THR A 354 -10.07 -1.44 8.49
CA THR A 354 -9.72 -0.43 7.50
C THR A 354 -8.44 -0.81 6.77
N VAL A 355 -8.44 -0.69 5.45
CA VAL A 355 -7.22 -0.81 4.70
C VAL A 355 -6.90 0.51 4.01
N MET A 356 -5.85 1.17 4.46
CA MET A 356 -5.37 2.38 3.85
C MET A 356 -4.44 1.95 2.72
N GLY A 357 -5.03 1.83 1.54
CA GLY A 357 -4.33 1.34 0.37
C GLY A 357 -3.88 2.45 -0.54
N ALA A 358 -3.61 2.09 -1.80
CA ALA A 358 -3.15 3.03 -2.82
C ALA A 358 -3.98 4.31 -2.88
N VAL A 359 -5.30 4.18 -2.72
CA VAL A 359 -6.20 5.32 -2.69
C VAL A 359 -5.77 6.36 -1.65
N ILE A 360 -5.35 5.89 -0.48
CA ILE A 360 -4.78 6.77 0.54
C ILE A 360 -3.34 7.18 0.23
N MET A 361 -2.48 6.19 0.03
CA MET A 361 -1.02 6.42 -0.06
C MET A 361 -0.59 7.32 -1.20
N GLU A 362 -1.35 7.31 -2.29
CA GLU A 362 -1.03 8.10 -3.49
C GLU A 362 -1.23 9.61 -3.29
N GLY A 363 -1.82 9.99 -2.17
CA GLY A 363 -1.90 11.40 -1.81
C GLY A 363 -0.63 11.85 -1.09
N PHE A 364 0.17 10.88 -0.63
CA PHE A 364 1.16 11.17 0.39
C PHE A 364 2.53 10.53 0.21
N TYR A 365 3.51 11.19 0.79
CA TYR A 365 4.81 10.58 1.03
C TYR A 365 4.71 9.93 2.40
N VAL A 366 4.93 8.62 2.41
CA VAL A 366 4.65 7.83 3.59
C VAL A 366 5.93 7.20 4.10
N VAL A 367 6.31 7.57 5.32
CA VAL A 367 7.55 7.11 5.92
C VAL A 367 7.29 6.00 6.94
N PHE A 368 7.78 4.80 6.65
CA PHE A 368 7.62 3.70 7.56
C PHE A 368 8.79 3.69 8.52
N ASP A 369 8.67 4.47 9.58
CA ASP A 369 9.76 4.67 10.52
C ASP A 369 9.76 3.56 11.56
N ARG A 370 10.30 2.41 11.16
CA ARG A 370 10.30 1.20 11.98
C ARG A 370 11.08 1.38 13.26
N ALA A 371 12.27 1.97 13.13
CA ALA A 371 13.12 2.32 14.27
C ALA A 371 12.37 2.98 15.42
N ARG A 372 11.43 3.87 15.10
CA ARG A 372 10.70 4.62 16.13
C ARG A 372 9.23 4.24 16.21
N LYS A 373 8.90 3.07 15.67
CA LYS A 373 7.53 2.52 15.71
C LYS A 373 6.49 3.56 15.31
N ARG A 374 6.70 4.21 14.19
CA ARG A 374 5.77 5.22 13.71
C ARG A 374 5.71 5.30 12.20
N ILE A 375 4.64 5.91 11.71
CA ILE A 375 4.42 6.11 10.29
C ILE A 375 4.17 7.59 10.01
N GLY A 376 4.96 8.14 9.09
CA GLY A 376 4.88 9.55 8.77
C GLY A 376 4.18 9.81 7.46
N PHE A 377 3.45 10.92 7.42
CA PHE A 377 2.67 11.35 6.27
C PHE A 377 2.98 12.81 5.95
N ALA A 378 3.09 13.09 4.66
CA ALA A 378 3.19 14.45 4.15
C ALA A 378 2.56 14.45 2.75
N VAL A 379 2.18 15.64 2.29
CA VAL A 379 1.69 15.83 0.94
C VAL A 379 2.73 15.37 -0.08
N SER A 380 2.29 14.53 -1.02
CA SER A 380 3.16 14.02 -2.06
C SER A 380 3.44 15.09 -3.10
N ALA A 381 4.71 15.31 -3.40
CA ALA A 381 5.11 16.24 -4.46
C ALA A 381 4.52 15.86 -5.82
N CYS A 382 4.01 14.63 -5.94
CA CYS A 382 3.56 14.11 -7.22
C CYS A 382 2.07 13.74 -7.27
N HIS A 383 1.34 13.98 -6.19
CA HIS A 383 -0.04 13.53 -6.14
C HIS A 383 -0.88 14.33 -7.13
N VAL A 384 -1.93 13.71 -7.65
CA VAL A 384 -2.73 14.36 -8.69
C VAL A 384 -3.93 15.12 -8.13
N HIS A 385 -4.05 16.37 -8.57
CA HIS A 385 -5.05 17.29 -8.06
C HIS A 385 -5.44 18.27 -9.15
N ASP A 386 -6.36 19.18 -8.84
CA ASP A 386 -6.74 20.24 -9.76
C ASP A 386 -6.39 21.60 -9.15
N GLU A 387 -6.87 22.67 -9.76
CA GLU A 387 -6.54 24.02 -9.31
C GLU A 387 -7.38 24.52 -8.11
N PHE A 388 -8.25 23.67 -7.57
CA PHE A 388 -9.14 24.07 -6.47
C PHE A 388 -8.82 23.40 -5.13
N ARG A 389 -8.68 22.08 -5.14
CA ARG A 389 -8.42 21.32 -3.92
C ARG A 389 -7.12 20.51 -4.02
N THR A 390 -6.44 20.36 -2.88
CA THR A 390 -5.16 19.65 -2.80
C THR A 390 -5.22 18.63 -1.66
N ALA A 391 -4.53 17.50 -1.81
CA ALA A 391 -4.34 16.60 -0.68
C ALA A 391 -3.55 17.34 0.37
N ALA A 392 -3.90 17.12 1.63
CA ALA A 392 -3.34 17.90 2.71
C ALA A 392 -3.00 17.03 3.91
N VAL A 393 -1.96 17.46 4.63
CA VAL A 393 -1.65 16.93 5.94
C VAL A 393 -1.55 18.13 6.89
N GLU A 394 -2.41 18.11 7.91
CA GLU A 394 -2.61 19.28 8.76
C GLU A 394 -2.57 18.90 10.23
N GLY A 395 -2.03 19.79 11.06
CA GLY A 395 -1.97 19.56 12.49
C GLY A 395 -1.41 20.74 13.27
N PRO A 396 -1.54 20.71 14.61
CA PRO A 396 -2.13 19.61 15.35
C PRO A 396 -3.61 19.83 15.66
N PHE A 397 -4.26 18.81 16.18
CA PHE A 397 -5.63 18.92 16.64
C PHE A 397 -5.80 18.36 18.04
N VAL A 398 -6.82 18.81 18.75
CA VAL A 398 -7.08 18.24 20.06
C VAL A 398 -8.09 17.12 19.91
N THR A 399 -7.69 15.92 20.33
CA THR A 399 -8.59 14.78 20.30
C THR A 399 -8.39 13.91 21.53
N LEU A 400 -9.42 13.90 22.38
CA LEU A 400 -9.42 13.12 23.61
C LEU A 400 -9.88 11.68 23.38
N ASP A 401 -9.48 10.80 24.31
CA ASP A 401 -9.93 9.41 24.39
C ASP A 401 -9.51 8.56 23.21
N MET A 402 -8.48 9.00 22.49
CA MET A 402 -7.99 8.33 21.31
C MET A 402 -7.61 6.86 21.53
N GLU A 403 -7.22 6.53 22.75
CA GLU A 403 -6.95 5.15 23.15
C GLU A 403 -8.19 4.26 23.03
N ASP A 404 -9.36 4.80 23.39
CA ASP A 404 -10.63 4.08 23.25
C ASP A 404 -10.97 3.75 21.78
N CYS A 405 -10.27 4.38 20.84
CA CYS A 405 -10.50 4.15 19.41
C CYS A 405 -9.91 2.82 18.95
N GLY A 406 -8.88 2.35 19.66
CA GLY A 406 -8.26 1.07 19.36
C GLY A 406 -9.16 -0.08 19.75
N TYR A 407 -9.26 -1.07 18.88
CA TYR A 407 -10.04 -2.26 19.18
C TYR A 407 -9.18 -3.33 19.84
N ASN A 408 -9.75 -4.01 20.83
CA ASN A 408 -9.05 -5.09 21.54
C ASN A 408 -9.71 -6.48 21.42
I IOD B . 3.05 -21.17 -10.26
I IOD C . 14.43 10.27 12.47
I IOD D . -4.05 -18.49 -12.08
I IOD E . -20.30 -4.89 12.01
C1 GOL F . 13.64 -18.04 -16.75
O1 GOL F . 13.21 -16.77 -16.32
C2 GOL F . 14.21 -17.94 -18.15
O2 GOL F . 13.23 -17.39 -19.00
C3 GOL F . 14.63 -19.31 -18.65
O3 GOL F . 14.58 -19.37 -20.06
N5 H3C G . -2.36 0.13 -6.39
C18 H3C G . -2.37 -1.03 -6.30
C15 H3C G . -2.30 -2.31 -6.20
C14 H3C G . -1.64 -2.90 -5.12
N4 H3C G . -1.55 -4.24 -5.03
C16 H3C G . -2.85 -3.13 -7.19
C17 H3C G . -2.74 -4.51 -7.08
C13 H3C G . -2.08 -5.06 -5.98
C12 H3C G . -1.94 -6.54 -5.81
O H3C G . -2.22 -7.28 -6.75
N3 H3C G . -1.51 -6.96 -4.62
C8 H3C G . -1.51 -8.23 -4.15
C7 H3C G . -1.42 -8.38 -2.75
C9 H3C G . -1.61 -9.35 -4.98
C10 H3C G . -1.62 -10.64 -4.44
C11 H3C G . -1.52 -10.81 -3.07
F H3C G . -1.54 -12.05 -2.55
C6 H3C G . -1.42 -9.63 -2.16
C2 H3C G . -1.34 -9.78 -0.65
C1 H3C G . -0.17 -10.70 -0.31
C5 H3C G . -2.61 -10.43 -0.16
C4 H3C G . -3.75 -9.73 -0.07
S H3C G . -3.65 -8.08 0.18
C3 H3C G . -2.03 -7.73 0.46
N1 H3C G . -1.10 -8.47 -0.03
N2 H3C G . -1.70 -6.67 1.19
#